data_7U9B
#
_entry.id   7U9B
#
_cell.length_a   56.710
_cell.length_b   58.910
_cell.length_c   76.660
_cell.angle_alpha   90.000
_cell.angle_beta   90.000
_cell.angle_gamma   90.000
#
_symmetry.space_group_name_H-M   'P 2 21 21'
#
loop_
_entity.id
_entity.type
_entity.pdbx_description
1 polymer 'Carbapenem-hydrolyzing beta-lactamase KPC'
2 non-polymer [(3S)-3-(1H-tetrazol-5-yl)-2,3-dihydro-1H-indol-1-yl][3-(trifluoromethyl)phenyl]methanone
3 water water
#
_entity_poly.entity_id   1
_entity_poly.type   'polypeptide(L)'
_entity_poly.pdbx_seq_one_letter_code
;MLTNLVAEPFAKLEQDFGGSIGVYAMDTGSGATVSYRAEERFPLCSSFKGFLAAAVLARSQQQAGLLDTPIRYGKNALVP
WSPISEKYLTTGMTVAELSAAAVQYSDNAAANLLLKELGGPAGLTAFMRSIGDTTFRLDRWELELNSAIPGDARDTSSPR
AVTESLQKLTLGSALAAPQRQQFVDWLKGNTTGNHRIRAAVPADWAVGDKTGTCGVYGTANDYAVVWPTGRAPIVLAVYT
RAPNKDDKHSEAVIAAAARLALEGLGVN
;
_entity_poly.pdbx_strand_id   A
#
loop_
_chem_comp.id
_chem_comp.type
_chem_comp.name
_chem_comp.formula
M2I non-polymer [(3S)-3-(1H-tetrazol-5-yl)-2,3-dihydro-1H-indol-1-yl][3-(trifluoromethyl)phenyl]methanone 'C17 H12 F3 N5 O'
#
# COMPACT_ATOMS: atom_id res chain seq x y z
N MET A 1 -2.62 -18.95 -18.35
CA MET A 1 -3.08 -18.22 -19.53
C MET A 1 -3.87 -16.95 -19.12
N LEU A 2 -4.11 -16.78 -17.83
CA LEU A 2 -4.89 -15.64 -17.33
C LEU A 2 -4.33 -14.29 -17.73
N THR A 3 -3.01 -14.15 -17.70
CA THR A 3 -2.39 -12.89 -18.06
C THR A 3 -2.72 -12.48 -19.48
N ASN A 4 -2.68 -13.45 -20.40
CA ASN A 4 -2.99 -13.20 -21.81
C ASN A 4 -4.45 -12.82 -22.00
N LEU A 5 -5.32 -13.38 -21.18
CA LEU A 5 -6.76 -13.12 -21.21
C LEU A 5 -7.06 -11.66 -20.94
N VAL A 6 -6.22 -11.00 -20.13
CA VAL A 6 -6.45 -9.61 -19.77
C VAL A 6 -5.51 -8.64 -20.46
N ALA A 7 -4.62 -9.13 -21.32
CA ALA A 7 -3.58 -8.29 -21.92
C ALA A 7 -4.19 -7.10 -22.66
N GLU A 8 -5.17 -7.34 -23.52
CA GLU A 8 -5.70 -6.29 -24.38
C GLU A 8 -6.69 -5.37 -23.66
N PRO A 9 -7.55 -5.87 -22.77
CA PRO A 9 -8.32 -4.94 -21.92
C PRO A 9 -7.45 -3.95 -21.13
N PHE A 10 -6.39 -4.43 -20.48
CA PHE A 10 -5.50 -3.55 -19.73
C PHE A 10 -4.87 -2.50 -20.64
N ALA A 11 -4.34 -2.94 -21.80
CA ALA A 11 -3.65 -2.03 -22.70
C ALA A 11 -4.55 -0.89 -23.15
N LYS A 12 -5.82 -1.17 -23.42
CA LYS A 12 -6.72 -0.12 -23.88
C LYS A 12 -7.10 0.81 -22.72
N LEU A 13 -7.29 0.25 -21.52
CA LEU A 13 -7.55 1.09 -20.35
C LEU A 13 -6.41 2.07 -20.11
N GLU A 14 -5.17 1.58 -20.19
CA GLU A 14 -4.04 2.46 -19.93
C GLU A 14 -3.86 3.46 -21.07
N GLN A 15 -4.29 3.11 -22.28
CA GLN A 15 -4.25 4.06 -23.39
C GLN A 15 -5.22 5.21 -23.19
N ASP A 16 -6.43 4.92 -22.69
CA ASP A 16 -7.39 6.00 -22.48
C ASP A 16 -7.07 6.80 -21.22
N PHE A 17 -6.50 6.14 -20.21
CA PHE A 17 -6.01 6.86 -19.04
C PHE A 17 -4.88 7.82 -19.41
N GLY A 18 -4.07 7.45 -20.40
CA GLY A 18 -2.98 8.27 -20.87
C GLY A 18 -1.67 8.02 -20.19
N GLY A 19 -1.52 6.89 -19.51
CA GLY A 19 -0.31 6.60 -18.76
C GLY A 19 0.00 5.14 -18.74
N SER A 20 0.52 4.68 -17.62
CA SER A 20 0.90 3.28 -17.42
C SER A 20 0.15 2.73 -16.24
N ILE A 21 -0.37 1.52 -16.38
CA ILE A 21 -1.03 0.82 -15.27
C ILE A 21 -0.29 -0.48 -15.01
N GLY A 22 0.06 -0.70 -13.74
CA GLY A 22 0.68 -1.93 -13.34
C GLY A 22 -0.21 -2.68 -12.39
N VAL A 23 -0.44 -3.96 -12.67
CA VAL A 23 -1.36 -4.78 -11.89
C VAL A 23 -0.68 -6.11 -11.64
N TYR A 24 -0.75 -6.57 -10.40
CA TYR A 24 -0.49 -7.98 -10.08
C TYR A 24 -1.58 -8.46 -9.14
N ALA A 25 -2.20 -9.57 -9.49
CA ALA A 25 -3.23 -10.16 -8.64
C ALA A 25 -2.96 -11.64 -8.51
N MET A 26 -3.30 -12.17 -7.33
CA MET A 26 -2.93 -13.52 -6.97
C MET A 26 -4.11 -14.17 -6.24
N ASP A 27 -4.53 -15.32 -6.73
CA ASP A 27 -5.56 -16.15 -6.10
C ASP A 27 -4.85 -17.13 -5.17
N THR A 28 -5.01 -16.97 -3.86
CA THR A 28 -4.22 -17.78 -2.95
C THR A 28 -4.75 -19.19 -2.74
N GLY A 29 -6.04 -19.43 -2.99
CA GLY A 29 -6.59 -20.78 -2.90
C GLY A 29 -6.63 -21.45 -4.25
N SER A 30 -5.83 -20.95 -5.19
CA SER A 30 -5.75 -21.51 -6.53
C SER A 30 -4.38 -21.42 -7.16
N GLY A 31 -3.50 -20.51 -6.72
CA GLY A 31 -2.24 -20.28 -7.40
C GLY A 31 -2.32 -19.34 -8.58
N ALA A 32 -3.52 -19.09 -9.11
CA ALA A 32 -3.69 -18.25 -10.29
C ALA A 32 -3.18 -16.83 -10.06
N THR A 33 -2.50 -16.27 -11.07
CA THR A 33 -2.01 -14.90 -11.03
C THR A 33 -2.39 -14.16 -12.31
N VAL A 34 -2.55 -12.84 -12.19
CA VAL A 34 -2.73 -11.95 -13.33
C VAL A 34 -1.65 -10.88 -13.25
N SER A 35 -0.99 -10.60 -14.38
CA SER A 35 0.15 -9.68 -14.39
C SER A 35 0.08 -8.75 -15.59
N TYR A 36 0.22 -7.46 -15.35
CA TYR A 36 0.35 -6.49 -16.43
C TYR A 36 1.27 -5.38 -15.95
N ARG A 37 2.47 -5.29 -16.55
CA ARG A 37 3.54 -4.41 -16.06
C ARG A 37 3.84 -4.66 -14.60
N ALA A 38 3.74 -5.93 -14.18
CA ALA A 38 3.82 -6.26 -12.77
C ALA A 38 5.24 -6.12 -12.22
N GLU A 39 6.25 -6.08 -13.08
CA GLU A 39 7.62 -5.98 -12.64
C GLU A 39 8.21 -4.59 -12.83
N GLU A 40 7.50 -3.71 -13.54
CA GLU A 40 7.92 -2.31 -13.64
C GLU A 40 7.85 -1.64 -12.27
N ARG A 41 8.73 -0.66 -12.07
CA ARG A 41 8.71 0.15 -10.86
C ARG A 41 7.68 1.25 -10.98
N PHE A 42 6.93 1.48 -9.90
CA PHE A 42 6.00 2.60 -9.77
C PHE A 42 6.26 3.29 -8.44
N PRO A 43 6.10 4.60 -8.37
CA PRO A 43 6.21 5.28 -7.09
C PRO A 43 5.23 4.71 -6.07
N LEU A 44 5.73 4.47 -4.85
CA LEU A 44 4.88 3.99 -3.76
C LEU A 44 3.92 5.06 -3.25
N CYS A 45 4.31 6.33 -3.25
CA CYS A 45 3.50 7.36 -2.58
C CYS A 45 3.17 6.85 -1.18
N SER A 46 1.98 7.19 -0.67
CA SER A 46 1.68 6.83 0.71
C SER A 46 1.46 5.34 0.91
N SER A 47 1.47 4.54 -0.16
CA SER A 47 1.23 3.13 0.06
C SER A 47 2.36 2.46 0.83
N PHE A 48 3.54 3.09 0.93
CA PHE A 48 4.57 2.54 1.79
C PHE A 48 4.14 2.50 3.25
N LYS A 49 3.14 3.31 3.62
CA LYS A 49 2.74 3.39 5.02
C LYS A 49 2.15 2.09 5.52
N GLY A 50 1.54 1.27 4.64
CA GLY A 50 1.12 -0.04 5.09
C GLY A 50 2.29 -0.89 5.55
N PHE A 51 3.34 -0.94 4.74
CA PHE A 51 4.51 -1.72 5.12
C PHE A 51 5.20 -1.14 6.34
N LEU A 52 5.23 0.19 6.43
CA LEU A 52 5.70 0.87 7.64
C LEU A 52 5.02 0.32 8.90
N ALA A 53 3.68 0.26 8.90
CA ALA A 53 2.97 -0.31 10.05
C ALA A 53 3.34 -1.77 10.28
N ALA A 54 3.54 -2.54 9.20
CA ALA A 54 3.97 -3.93 9.37
C ALA A 54 5.36 -4.01 10.00
N ALA A 55 6.27 -3.12 9.60
CA ALA A 55 7.61 -3.11 10.17
C ALA A 55 7.55 -2.78 11.65
N VAL A 56 6.69 -1.84 12.03
CA VAL A 56 6.48 -1.52 13.44
C VAL A 56 5.98 -2.75 14.20
N LEU A 57 5.00 -3.43 13.63
CA LEU A 57 4.47 -4.65 14.26
C LEU A 57 5.57 -5.69 14.43
N ALA A 58 6.34 -5.94 13.37
CA ALA A 58 7.45 -6.88 13.47
C ALA A 58 8.36 -6.50 14.64
N ARG A 59 8.73 -5.22 14.73
CA ARG A 59 9.60 -4.78 15.80
C ARG A 59 8.94 -4.99 17.15
N SER A 60 7.61 -4.87 17.22
CA SER A 60 6.91 -5.09 18.48
C SER A 60 7.04 -6.52 18.97
N GLN A 61 7.34 -7.47 18.07
CA GLN A 61 7.53 -8.84 18.50
C GLN A 61 8.81 -9.05 19.28
N GLN A 62 9.76 -8.12 19.16
CA GLN A 62 11.01 -8.17 19.91
C GLN A 62 11.03 -7.17 21.05
N GLN A 63 10.55 -5.96 20.79
CA GLN A 63 10.55 -4.88 21.77
C GLN A 63 9.19 -4.88 22.47
N ALA A 64 9.10 -5.64 23.56
CA ALA A 64 7.83 -5.77 24.28
C ALA A 64 7.29 -4.41 24.67
N GLY A 65 5.97 -4.26 24.58
CA GLY A 65 5.33 -2.99 24.90
C GLY A 65 5.52 -1.88 23.89
N LEU A 66 6.08 -2.17 22.71
CA LEU A 66 6.38 -1.12 21.75
C LEU A 66 5.11 -0.38 21.32
N LEU A 67 4.02 -1.13 21.11
CA LEU A 67 2.82 -0.52 20.56
C LEU A 67 2.17 0.49 21.51
N ASP A 68 2.37 0.33 22.82
CA ASP A 68 1.75 1.24 23.79
C ASP A 68 2.68 2.37 24.19
N THR A 69 3.87 2.45 23.61
CA THR A 69 4.79 3.55 23.91
C THR A 69 4.18 4.90 23.55
N PRO A 70 4.08 5.84 24.48
CA PRO A 70 3.64 7.19 24.11
C PRO A 70 4.73 7.93 23.34
N ILE A 71 4.32 8.58 22.26
CA ILE A 71 5.23 9.37 21.44
C ILE A 71 4.78 10.81 21.54
N ARG A 72 5.65 11.68 22.05
CA ARG A 72 5.37 13.10 22.11
C ARG A 72 6.12 13.80 21.00
N TYR A 73 5.49 14.82 20.42
CA TYR A 73 6.04 15.48 19.25
C TYR A 73 5.62 16.94 19.28
N GLY A 74 6.41 17.77 18.60
CA GLY A 74 6.17 19.19 18.54
C GLY A 74 5.48 19.59 17.25
N LYS A 75 5.10 20.88 17.20
CA LYS A 75 4.51 21.46 16.01
C LYS A 75 5.37 21.24 14.78
N ASN A 76 6.69 21.19 14.95
CA ASN A 76 7.59 21.03 13.82
C ASN A 76 7.50 19.64 13.20
N ALA A 77 7.01 18.64 13.94
CA ALA A 77 6.76 17.33 13.32
C ALA A 77 5.52 17.34 12.44
N LEU A 78 4.69 18.36 12.52
CA LEU A 78 3.49 18.37 11.69
C LEU A 78 3.89 18.68 10.26
N VAL A 79 3.23 17.99 9.35
CA VAL A 79 3.48 18.06 7.92
C VAL A 79 2.15 18.11 7.21
N PRO A 80 2.06 18.81 6.08
CA PRO A 80 0.78 18.89 5.37
C PRO A 80 0.15 17.50 5.25
N TRP A 81 -1.16 17.46 5.48
CA TRP A 81 -1.95 16.24 5.60
C TRP A 81 -1.46 15.36 6.76
N SER A 82 -1.70 15.86 7.97
CA SER A 82 -1.56 15.09 9.19
C SER A 82 -2.86 15.23 9.99
N PRO A 83 -3.96 14.68 9.46
CA PRO A 83 -5.28 15.00 10.05
C PRO A 83 -5.48 14.43 11.44
N ILE A 84 -4.88 13.26 11.73
CA ILE A 84 -5.00 12.65 13.05
C ILE A 84 -3.99 13.26 14.02
N SER A 85 -2.71 13.32 13.62
CA SER A 85 -1.69 13.77 14.57
C SER A 85 -1.83 15.25 14.93
N GLU A 86 -2.39 16.06 14.03
CA GLU A 86 -2.75 17.44 14.38
C GLU A 86 -3.60 17.51 15.65
N LYS A 87 -4.52 16.55 15.80
CA LYS A 87 -5.51 16.61 16.88
C LYS A 87 -4.96 16.13 18.21
N TYR A 88 -3.83 15.43 18.21
CA TYR A 88 -3.17 15.01 19.42
C TYR A 88 -1.83 15.71 19.62
N LEU A 89 -1.60 16.83 18.93
CA LEU A 89 -0.38 17.59 19.11
C LEU A 89 -0.12 17.90 20.58
N THR A 90 -1.17 18.34 21.29
CA THR A 90 -1.04 18.74 22.68
C THR A 90 -0.97 17.57 23.66
N THR A 91 -1.13 16.33 23.19
CA THR A 91 -1.15 15.18 24.09
C THR A 91 -0.15 14.09 23.76
N GLY A 92 0.31 13.98 22.51
CA GLY A 92 1.04 12.82 22.06
C GLY A 92 0.11 11.66 21.69
N MET A 93 0.68 10.66 21.02
CA MET A 93 -0.05 9.45 20.64
C MET A 93 0.82 8.23 20.92
N THR A 94 0.19 7.07 21.00
CA THR A 94 0.99 5.86 21.12
C THR A 94 1.49 5.40 19.75
N VAL A 95 2.50 4.52 19.75
CA VAL A 95 3.02 3.97 18.51
C VAL A 95 1.93 3.25 17.73
N ALA A 96 1.01 2.59 18.43
CA ALA A 96 -0.07 1.90 17.74
C ALA A 96 -1.03 2.89 17.10
N GLU A 97 -1.30 4.02 17.78
CA GLU A 97 -2.19 5.02 17.22
C GLU A 97 -1.55 5.72 16.02
N LEU A 98 -0.26 6.03 16.11
CA LEU A 98 0.44 6.54 14.94
C LEU A 98 0.37 5.56 13.78
N SER A 99 0.55 4.28 14.06
CA SER A 99 0.52 3.27 12.99
C SER A 99 -0.84 3.22 12.33
N ALA A 100 -1.90 3.15 13.14
CA ALA A 100 -3.26 3.18 12.59
C ALA A 100 -3.52 4.45 11.81
N ALA A 101 -3.01 5.59 12.30
CA ALA A 101 -3.20 6.85 11.58
C ALA A 101 -2.49 6.83 10.23
N ALA A 102 -1.27 6.30 10.19
CA ALA A 102 -0.53 6.21 8.93
C ALA A 102 -1.26 5.30 7.94
N VAL A 103 -1.79 4.18 8.40
CA VAL A 103 -2.45 3.23 7.50
C VAL A 103 -3.82 3.75 7.05
N GLN A 104 -4.63 4.23 7.99
CA GLN A 104 -6.05 4.46 7.73
C GLN A 104 -6.39 5.88 7.28
N TYR A 105 -5.48 6.84 7.49
CA TYR A 105 -5.67 8.20 7.03
C TYR A 105 -4.47 8.72 6.24
N SER A 106 -3.44 7.89 6.04
CA SER A 106 -2.19 8.31 5.41
C SER A 106 -1.56 9.50 6.13
N ASP A 107 -1.71 9.54 7.45
CA ASP A 107 -1.19 10.66 8.24
C ASP A 107 0.31 10.81 8.03
N ASN A 108 0.73 11.98 7.55
CA ASN A 108 2.12 12.16 7.16
C ASN A 108 3.04 12.38 8.36
N ALA A 109 2.60 13.17 9.34
CA ALA A 109 3.43 13.34 10.52
C ALA A 109 3.59 12.00 11.25
N ALA A 110 2.52 11.20 11.30
CA ALA A 110 2.64 9.88 11.92
C ALA A 110 3.64 9.01 11.17
N ALA A 111 3.58 9.01 9.84
CA ALA A 111 4.52 8.24 9.04
C ALA A 111 5.97 8.65 9.33
N ASN A 112 6.25 9.95 9.36
CA ASN A 112 7.63 10.40 9.60
C ASN A 112 8.10 10.06 11.01
N LEU A 113 7.21 10.20 12.00
CA LEU A 113 7.56 9.85 13.38
C LEU A 113 7.92 8.37 13.50
N LEU A 114 7.17 7.51 12.81
CA LEU A 114 7.45 6.08 12.88
C LEU A 114 8.72 5.72 12.12
N LEU A 115 8.87 6.28 10.91
CA LEU A 115 10.11 6.15 10.15
C LEU A 115 11.32 6.47 11.03
N LYS A 116 11.23 7.56 11.77
CA LYS A 116 12.32 7.91 12.68
C LYS A 116 12.59 6.81 13.70
N GLU A 117 11.52 6.24 14.28
CA GLU A 117 11.70 5.15 15.23
C GLU A 117 12.35 3.94 14.58
N LEU A 118 12.10 3.73 13.30
CA LEU A 118 12.60 2.54 12.61
C LEU A 118 14.01 2.72 12.06
N GLY A 119 14.57 3.91 12.17
CA GLY A 119 15.85 4.17 11.52
C GLY A 119 15.76 4.75 10.13
N GLY A 120 14.63 5.38 9.78
CA GLY A 120 14.52 6.11 8.54
C GLY A 120 14.19 5.20 7.39
N PRO A 121 14.19 5.76 6.17
CA PRO A 121 13.85 4.95 4.99
C PRO A 121 14.70 3.71 4.86
N ALA A 122 15.98 3.77 5.26
CA ALA A 122 16.82 2.57 5.15
C ALA A 122 16.37 1.50 6.12
N GLY A 123 15.86 1.90 7.29
CA GLY A 123 15.33 0.92 8.22
C GLY A 123 14.13 0.18 7.68
N LEU A 124 13.20 0.91 7.04
CA LEU A 124 12.04 0.27 6.42
C LEU A 124 12.46 -0.62 5.26
N THR A 125 13.32 -0.12 4.37
CA THR A 125 13.82 -0.98 3.29
C THR A 125 14.43 -2.26 3.85
N ALA A 126 15.20 -2.13 4.95
CA ALA A 126 15.81 -3.28 5.59
C ALA A 126 14.77 -4.30 6.05
N PHE A 127 13.67 -3.82 6.64
CA PHE A 127 12.63 -4.74 7.06
C PHE A 127 12.06 -5.49 5.87
N MET A 128 11.80 -4.78 4.77
CA MET A 128 11.30 -5.44 3.56
C MET A 128 12.30 -6.46 3.02
N ARG A 129 13.60 -6.15 3.05
CA ARG A 129 14.59 -7.15 2.66
C ARG A 129 14.47 -8.39 3.52
N SER A 130 14.19 -8.20 4.81
CA SER A 130 14.16 -9.28 5.77
C SER A 130 12.99 -10.22 5.55
N ILE A 131 12.01 -9.86 4.74
CA ILE A 131 10.93 -10.77 4.42
C ILE A 131 11.03 -11.32 3.01
N GLY A 132 12.11 -10.99 2.29
CA GLY A 132 12.31 -11.53 0.95
C GLY A 132 12.00 -10.58 -0.18
N ASP A 133 11.76 -9.32 0.10
CA ASP A 133 11.41 -8.32 -0.91
C ASP A 133 12.69 -7.60 -1.33
N THR A 134 13.19 -7.90 -2.53
CA THR A 134 14.41 -7.29 -3.07
C THR A 134 14.11 -6.10 -3.97
N THR A 135 12.84 -5.81 -4.22
CA THR A 135 12.44 -4.71 -5.11
C THR A 135 12.16 -3.42 -4.34
N PHE A 136 11.43 -3.52 -3.24
CA PHE A 136 11.01 -2.36 -2.49
C PHE A 136 12.23 -1.51 -2.12
N ARG A 137 12.12 -0.21 -2.35
CA ARG A 137 13.08 0.71 -1.75
C ARG A 137 12.35 1.97 -1.32
N LEU A 138 12.62 2.41 -0.10
CA LEU A 138 12.24 3.74 0.32
C LEU A 138 13.52 4.54 0.52
N ASP A 139 13.54 5.76 0.00
CA ASP A 139 14.74 6.57 0.02
C ASP A 139 14.59 7.90 0.74
N ARG A 140 13.38 8.44 0.84
CA ARG A 140 13.15 9.79 1.38
C ARG A 140 11.98 9.75 2.37
N TRP A 141 11.71 10.91 2.97
CA TRP A 141 10.64 11.10 3.95
C TRP A 141 9.45 11.82 3.31
N GLU A 142 8.36 11.92 4.07
CA GLU A 142 7.28 12.79 3.63
C GLU A 142 7.72 14.25 3.75
N LEU A 143 7.41 15.07 2.73
CA LEU A 143 6.62 14.67 1.58
C LEU A 143 7.46 14.49 0.33
N GLU A 144 8.79 14.59 0.46
CA GLU A 144 9.69 14.53 -0.69
C GLU A 144 9.57 13.21 -1.46
N LEU A 145 9.22 12.12 -0.77
CA LEU A 145 9.14 10.83 -1.43
C LEU A 145 8.05 10.77 -2.51
N ASN A 146 7.21 11.79 -2.62
CA ASN A 146 6.08 11.79 -3.56
C ASN A 146 6.40 12.38 -4.94
N SER A 147 7.66 12.73 -5.21
CA SER A 147 7.97 13.49 -6.42
C SER A 147 7.59 12.73 -7.69
N ALA A 148 7.63 11.39 -7.63
CA ALA A 148 7.19 10.49 -8.72
C ALA A 148 7.82 10.83 -10.08
N ILE A 149 9.10 11.14 -10.07
CA ILE A 149 9.76 11.62 -11.28
C ILE A 149 9.91 10.45 -12.26
N PRO A 150 9.55 10.63 -13.54
CA PRO A 150 9.69 9.52 -14.50
C PRO A 150 11.10 8.98 -14.54
N GLY A 151 11.23 7.66 -14.42
CA GLY A 151 12.50 6.99 -14.48
C GLY A 151 13.26 6.93 -13.15
N ASP A 152 12.81 7.67 -12.14
CA ASP A 152 13.48 7.69 -10.85
C ASP A 152 13.06 6.46 -10.04
N ALA A 153 14.03 5.65 -9.64
CA ALA A 153 13.73 4.45 -8.88
C ALA A 153 13.58 4.70 -7.36
N ARG A 154 13.91 5.90 -6.87
CA ARG A 154 13.71 6.19 -5.46
C ARG A 154 12.24 6.05 -5.08
N ASP A 155 12.00 5.43 -3.90
CA ASP A 155 10.66 5.33 -3.30
C ASP A 155 9.68 4.63 -4.24
N THR A 156 10.14 3.53 -4.84
CA THR A 156 9.33 2.74 -5.76
C THR A 156 9.29 1.29 -5.31
N SER A 157 8.30 0.55 -5.82
CA SER A 157 8.39 -0.90 -5.85
C SER A 157 7.64 -1.36 -7.11
N SER A 158 7.49 -2.68 -7.25
CA SER A 158 6.70 -3.20 -8.35
C SER A 158 5.35 -3.72 -7.85
N PRO A 159 4.30 -3.67 -8.66
CA PRO A 159 3.04 -4.29 -8.23
C PRO A 159 3.23 -5.73 -7.75
N ARG A 160 4.07 -6.49 -8.43
CA ARG A 160 4.30 -7.88 -8.03
C ARG A 160 4.96 -7.97 -6.66
N ALA A 161 6.02 -7.18 -6.43
CA ALA A 161 6.68 -7.24 -5.13
C ALA A 161 5.73 -6.79 -4.02
N VAL A 162 4.91 -5.76 -4.30
CA VAL A 162 3.97 -5.28 -3.29
C VAL A 162 2.99 -6.39 -2.92
N THR A 163 2.46 -7.08 -3.92
CA THR A 163 1.50 -8.14 -3.65
C THR A 163 2.15 -9.28 -2.88
N GLU A 164 3.34 -9.71 -3.30
CA GLU A 164 4.01 -10.81 -2.60
C GLU A 164 4.32 -10.46 -1.15
N SER A 165 4.78 -9.23 -0.89
CA SER A 165 5.05 -8.84 0.48
C SER A 165 3.77 -8.73 1.29
N LEU A 166 2.73 -8.14 0.69
CA LEU A 166 1.44 -8.04 1.38
C LEU A 166 0.90 -9.42 1.73
N GLN A 167 0.98 -10.38 0.81
CA GLN A 167 0.55 -11.74 1.13
C GLN A 167 1.35 -12.33 2.27
N LYS A 168 2.67 -12.14 2.28
CA LYS A 168 3.48 -12.66 3.37
C LYS A 168 3.09 -12.03 4.71
N LEU A 169 2.71 -10.76 4.69
CA LEU A 169 2.48 -10.03 5.92
C LEU A 169 1.06 -10.26 6.46
N THR A 170 0.08 -10.43 5.59
CA THR A 170 -1.31 -10.56 6.02
C THR A 170 -1.79 -12.00 6.08
N LEU A 171 -1.19 -12.88 5.29
CA LEU A 171 -1.65 -14.26 5.19
C LEU A 171 -0.58 -15.27 5.51
N GLY A 172 0.69 -14.94 5.30
CA GLY A 172 1.78 -15.87 5.51
C GLY A 172 2.40 -15.75 6.89
N SER A 173 3.69 -16.03 6.95
CA SER A 173 4.41 -16.21 8.20
C SER A 173 5.34 -15.04 8.53
N ALA A 174 5.26 -13.94 7.80
CA ALA A 174 6.21 -12.86 8.03
C ALA A 174 5.97 -12.17 9.36
N LEU A 175 4.73 -12.17 9.86
CA LEU A 175 4.40 -11.60 11.16
C LEU A 175 3.85 -12.69 12.07
N ALA A 176 4.19 -12.61 13.35
CA ALA A 176 3.57 -13.46 14.37
C ALA A 176 2.04 -13.34 14.33
N ALA A 177 1.34 -14.31 14.93
CA ALA A 177 -0.11 -14.40 14.78
C ALA A 177 -0.86 -13.15 15.23
N PRO A 178 -0.64 -12.61 16.44
CA PRO A 178 -1.41 -11.40 16.82
C PRO A 178 -1.05 -10.18 15.99
N GLN A 179 0.23 -10.01 15.66
CA GLN A 179 0.64 -8.88 14.83
C GLN A 179 0.00 -8.95 13.44
N ARG A 180 -0.07 -10.15 12.87
CA ARG A 180 -0.66 -10.31 11.54
C ARG A 180 -2.12 -9.87 11.53
N GLN A 181 -2.90 -10.30 12.53
CA GLN A 181 -4.30 -9.90 12.56
C GLN A 181 -4.44 -8.41 12.87
N GLN A 182 -3.56 -7.86 13.71
CA GLN A 182 -3.55 -6.41 13.93
C GLN A 182 -3.31 -5.67 12.62
N PHE A 183 -2.34 -6.11 11.83
CA PHE A 183 -2.09 -5.51 10.52
C PHE A 183 -3.32 -5.58 9.64
N VAL A 184 -3.93 -6.77 9.56
CA VAL A 184 -5.15 -6.95 8.78
C VAL A 184 -6.23 -5.98 9.26
N ASP A 185 -6.42 -5.88 10.57
CA ASP A 185 -7.47 -5.03 11.11
C ASP A 185 -7.25 -3.57 10.73
N TRP A 186 -6.02 -3.07 10.85
CA TRP A 186 -5.71 -1.71 10.41
C TRP A 186 -6.04 -1.51 8.95
N LEU A 187 -5.65 -2.46 8.10
CA LEU A 187 -5.96 -2.38 6.67
C LEU A 187 -7.47 -2.39 6.44
N LYS A 188 -8.18 -3.22 7.18
CA LYS A 188 -9.64 -3.28 7.06
C LYS A 188 -10.29 -1.96 7.45
N GLY A 189 -9.72 -1.25 8.42
CA GLY A 189 -10.26 0.02 8.86
C GLY A 189 -9.89 1.21 8.01
N ASN A 190 -9.21 1.00 6.89
CA ASN A 190 -8.74 2.12 6.09
C ASN A 190 -9.90 2.99 5.63
N THR A 191 -9.73 4.32 5.68
CA THR A 191 -10.80 5.22 5.27
C THR A 191 -10.58 5.86 3.90
N THR A 192 -9.42 5.69 3.28
CA THR A 192 -9.09 6.44 2.08
C THR A 192 -9.33 5.68 0.78
N GLY A 193 -9.77 4.42 0.85
CA GLY A 193 -9.82 3.66 -0.38
C GLY A 193 -11.19 3.26 -0.91
N ASN A 194 -12.24 4.01 -0.56
CA ASN A 194 -13.60 3.63 -0.97
C ASN A 194 -13.82 3.67 -2.49
N HIS A 195 -13.00 4.43 -3.23
CA HIS A 195 -13.18 4.60 -4.67
C HIS A 195 -12.16 3.84 -5.50
N ARG A 196 -11.42 2.92 -4.89
CA ARG A 196 -10.37 2.23 -5.64
C ARG A 196 -10.67 0.74 -5.62
N ILE A 197 -9.84 -0.09 -4.98
CA ILE A 197 -10.09 -1.52 -5.04
C ILE A 197 -11.45 -1.87 -4.41
N ARG A 198 -11.77 -1.24 -3.26
CA ARG A 198 -13.07 -1.50 -2.62
C ARG A 198 -14.24 -1.27 -3.55
N ALA A 199 -14.10 -0.33 -4.50
CA ALA A 199 -15.19 -0.05 -5.44
C ALA A 199 -15.42 -1.19 -6.40
N ALA A 200 -14.46 -2.09 -6.54
CA ALA A 200 -14.54 -3.16 -7.52
C ALA A 200 -14.95 -4.49 -6.92
N VAL A 201 -15.16 -4.55 -5.61
CA VAL A 201 -15.48 -5.82 -4.97
C VAL A 201 -16.93 -5.81 -4.50
N PRO A 202 -17.58 -6.98 -4.47
CA PRO A 202 -18.94 -7.04 -3.91
C PRO A 202 -19.01 -6.58 -2.47
N ALA A 203 -20.17 -6.05 -2.12
CA ALA A 203 -20.40 -5.48 -0.79
C ALA A 203 -20.21 -6.52 0.31
N ASP A 204 -20.37 -7.81 0.03
CA ASP A 204 -20.23 -8.78 1.12
C ASP A 204 -18.79 -9.26 1.32
N TRP A 205 -17.85 -8.79 0.51
CA TRP A 205 -16.46 -9.19 0.66
C TRP A 205 -15.77 -8.33 1.71
N ALA A 206 -14.97 -8.97 2.55
CA ALA A 206 -14.08 -8.24 3.44
C ALA A 206 -12.89 -7.72 2.64
N VAL A 207 -12.42 -6.53 3.01
CA VAL A 207 -11.34 -5.86 2.29
C VAL A 207 -10.45 -5.13 3.29
N GLY A 208 -9.15 -5.29 3.15
CA GLY A 208 -8.18 -4.38 3.77
C GLY A 208 -7.30 -3.82 2.67
N ASP A 209 -7.03 -2.52 2.74
CA ASP A 209 -6.29 -1.89 1.65
C ASP A 209 -5.47 -0.70 2.17
N LYS A 210 -4.49 -0.32 1.37
CA LYS A 210 -3.72 0.91 1.59
C LYS A 210 -3.59 1.62 0.25
N THR A 211 -3.90 2.91 0.25
CA THR A 211 -3.80 3.76 -0.94
C THR A 211 -2.47 4.54 -0.96
N GLY A 212 -2.20 5.11 -2.14
CA GLY A 212 -1.11 6.05 -2.30
C GLY A 212 -1.49 7.01 -3.41
N THR A 213 -1.20 8.28 -3.24
CA THR A 213 -1.51 9.31 -4.23
C THR A 213 -0.38 10.32 -4.18
N CYS A 214 0.42 10.41 -5.25
CA CYS A 214 1.58 11.30 -5.20
C CYS A 214 1.19 12.74 -5.50
N GLY A 215 0.12 12.98 -6.25
CA GLY A 215 -0.32 14.32 -6.55
C GLY A 215 0.21 14.88 -7.85
N VAL A 216 1.11 14.15 -8.50
CA VAL A 216 1.80 14.61 -9.71
C VAL A 216 1.94 13.40 -10.59
N TYR A 217 2.17 13.63 -11.88
CA TYR A 217 2.51 12.56 -12.83
C TYR A 217 1.45 11.45 -12.83
N GLY A 218 0.20 11.84 -12.64
CA GLY A 218 -0.91 10.88 -12.69
C GLY A 218 -0.64 9.63 -11.89
N THR A 219 0.03 9.78 -10.74
CA THR A 219 0.55 8.66 -9.97
C THR A 219 -0.31 8.40 -8.74
N ALA A 220 -0.92 7.22 -8.68
CA ALA A 220 -1.78 6.84 -7.56
C ALA A 220 -1.89 5.33 -7.57
N ASN A 221 -2.30 4.76 -6.45
CA ASN A 221 -2.25 3.31 -6.34
C ASN A 221 -3.12 2.82 -5.19
N ASP A 222 -3.22 1.50 -5.12
CA ASP A 222 -3.96 0.82 -4.06
C ASP A 222 -3.51 -0.63 -4.07
N TYR A 223 -3.31 -1.19 -2.88
CA TYR A 223 -3.13 -2.63 -2.77
C TYR A 223 -4.06 -3.15 -1.69
N ALA A 224 -4.46 -4.41 -1.84
CA ALA A 224 -5.52 -4.91 -0.98
C ALA A 224 -5.42 -6.41 -0.83
N VAL A 225 -5.86 -6.89 0.33
CA VAL A 225 -6.21 -8.28 0.56
C VAL A 225 -7.72 -8.36 0.68
N VAL A 226 -8.29 -9.30 -0.07
CA VAL A 226 -9.72 -9.37 -0.35
C VAL A 226 -10.19 -10.77 0.00
N TRP A 227 -11.25 -10.86 0.80
CA TRP A 227 -11.80 -12.16 1.19
C TRP A 227 -13.16 -12.35 0.55
N PRO A 228 -13.27 -13.07 -0.56
CA PRO A 228 -14.59 -13.53 -0.99
C PRO A 228 -15.23 -14.38 0.11
N THR A 229 -16.54 -14.26 0.21
CA THR A 229 -17.27 -15.00 1.23
C THR A 229 -17.05 -16.51 1.09
N GLY A 230 -16.54 -17.14 2.14
CA GLY A 230 -16.35 -18.57 2.15
C GLY A 230 -15.26 -19.10 1.23
N ARG A 231 -14.55 -18.24 0.51
CA ARG A 231 -13.48 -18.63 -0.40
C ARG A 231 -12.13 -18.14 0.12
N ALA A 232 -11.07 -18.49 -0.63
CA ALA A 232 -9.72 -18.15 -0.23
C ALA A 232 -9.38 -16.71 -0.62
N PRO A 233 -8.56 -16.03 0.17
CA PRO A 233 -8.29 -14.61 -0.10
C PRO A 233 -7.59 -14.38 -1.43
N ILE A 234 -7.84 -13.19 -1.99
CA ILE A 234 -7.12 -12.67 -3.15
C ILE A 234 -6.28 -11.48 -2.71
N VAL A 235 -5.03 -11.41 -3.18
CA VAL A 235 -4.14 -10.30 -2.92
C VAL A 235 -3.83 -9.62 -4.24
N LEU A 236 -3.78 -8.30 -4.25
CA LEU A 236 -3.62 -7.59 -5.50
C LEU A 236 -3.09 -6.17 -5.25
N ALA A 237 -2.44 -5.63 -6.28
CA ALA A 237 -1.86 -4.29 -6.26
C ALA A 237 -2.13 -3.64 -7.60
N VAL A 238 -2.55 -2.38 -7.59
CA VAL A 238 -2.79 -1.59 -8.80
C VAL A 238 -2.05 -0.26 -8.65
N TYR A 239 -1.11 0.00 -9.56
CA TYR A 239 -0.25 1.19 -9.53
C TYR A 239 -0.34 1.91 -10.87
N THR A 240 -0.46 3.23 -10.84
CA THR A 240 -0.48 4.01 -12.08
C THR A 240 0.55 5.11 -12.05
N ARG A 241 0.92 5.57 -13.23
CA ARG A 241 1.73 6.77 -13.43
C ARG A 241 1.48 7.25 -14.86
N ALA A 242 1.92 8.47 -15.14
CA ALA A 242 1.70 9.12 -16.42
C ALA A 242 2.91 9.99 -16.75
N PRO A 243 3.10 10.36 -18.01
CA PRO A 243 4.36 11.00 -18.41
C PRO A 243 4.52 12.45 -17.97
N ASN A 244 3.42 13.19 -17.79
CA ASN A 244 3.48 14.63 -17.55
C ASN A 244 3.21 14.94 -16.09
N LYS A 245 3.93 15.93 -15.56
CA LYS A 245 3.77 16.25 -14.15
C LYS A 245 2.35 16.66 -13.82
N ASP A 246 1.69 17.43 -14.70
CA ASP A 246 0.34 17.92 -14.47
C ASP A 246 -0.73 16.91 -14.80
N ASP A 247 -0.36 15.70 -15.25
CA ASP A 247 -1.35 14.68 -15.53
C ASP A 247 -2.03 14.27 -14.22
N LYS A 248 -3.34 14.07 -14.28
CA LYS A 248 -4.12 13.76 -13.08
C LYS A 248 -4.28 12.25 -12.94
N HIS A 249 -4.24 11.79 -11.70
CA HIS A 249 -4.52 10.40 -11.42
C HIS A 249 -6.02 10.14 -11.55
N SER A 250 -6.39 8.88 -11.66
CA SER A 250 -7.81 8.49 -11.79
C SER A 250 -8.12 7.37 -10.82
N GLU A 251 -9.01 7.63 -9.87
CA GLU A 251 -9.46 6.55 -8.99
C GLU A 251 -10.25 5.52 -9.78
N ALA A 252 -11.03 5.97 -10.78
CA ALA A 252 -11.85 5.05 -11.56
C ALA A 252 -10.97 4.09 -12.36
N VAL A 253 -9.84 4.59 -12.88
CA VAL A 253 -8.91 3.71 -13.59
C VAL A 253 -8.40 2.62 -12.66
N ILE A 254 -8.16 2.97 -11.40
CA ILE A 254 -7.68 1.97 -10.45
C ILE A 254 -8.77 0.95 -10.16
N ALA A 255 -10.01 1.41 -9.94
CA ALA A 255 -11.12 0.48 -9.72
C ALA A 255 -11.34 -0.40 -10.94
N ALA A 256 -11.22 0.19 -12.14
CA ALA A 256 -11.44 -0.57 -13.37
C ALA A 256 -10.37 -1.65 -13.53
N ALA A 257 -9.12 -1.33 -13.18
CA ALA A 257 -8.04 -2.31 -13.27
C ALA A 257 -8.20 -3.40 -12.23
N ALA A 258 -8.71 -3.06 -11.04
CA ALA A 258 -8.97 -4.08 -10.03
C ALA A 258 -10.03 -5.06 -10.53
N ARG A 259 -11.12 -4.53 -11.09
CA ARG A 259 -12.19 -5.39 -11.59
C ARG A 259 -11.68 -6.26 -12.73
N LEU A 260 -10.87 -5.68 -13.62
CA LEU A 260 -10.29 -6.49 -14.70
C LEU A 260 -9.45 -7.62 -14.13
N ALA A 261 -8.63 -7.33 -13.12
CA ALA A 261 -7.79 -8.34 -12.51
C ALA A 261 -8.63 -9.46 -11.91
N LEU A 262 -9.68 -9.10 -11.16
CA LEU A 262 -10.49 -10.13 -10.51
C LEU A 262 -11.24 -10.96 -11.54
N GLU A 263 -11.74 -10.34 -12.60
CA GLU A 263 -12.37 -11.12 -13.67
C GLU A 263 -11.35 -12.01 -14.36
N GLY A 264 -10.13 -11.51 -14.57
CA GLY A 264 -9.08 -12.32 -15.16
C GLY A 264 -8.75 -13.55 -14.32
N LEU A 265 -8.65 -13.37 -12.99
CA LEU A 265 -8.54 -14.51 -12.09
C LEU A 265 -9.75 -15.43 -12.13
N GLY A 266 -10.86 -14.99 -12.72
CA GLY A 266 -12.06 -15.78 -12.79
C GLY A 266 -12.89 -15.82 -11.53
N VAL A 267 -12.75 -14.82 -10.65
CA VAL A 267 -13.42 -14.83 -9.36
C VAL A 267 -14.03 -13.47 -9.07
N ASN A 268 -15.00 -13.06 -9.88
CA ASN A 268 -15.68 -11.79 -9.67
C ASN A 268 -17.19 -11.96 -9.84
C02 M2I B . -4.62 14.86 0.54
C03 M2I B . -6.13 14.98 0.38
C04 M2I B . -6.98 15.31 1.42
C05 M2I B . -8.34 15.40 1.19
C06 M2I B . -8.86 15.17 -0.07
C07 M2I B . -8.00 14.83 -1.11
C08 M2I B . -8.55 14.57 -2.51
C12 M2I B . -6.64 14.75 -0.89
C14 M2I B . -2.64 13.19 1.03
C15 M2I B . -2.57 11.84 1.36
C16 M2I B . -1.30 11.25 1.57
C17 M2I B . -0.12 12.00 1.41
C18 M2I B . -0.20 13.35 1.05
C19 M2I B . -1.45 13.94 0.86
C20 M2I B . -3.96 11.29 1.48
C21 M2I B . -3.91 10.05 0.60
C26 M2I B . -4.91 12.37 1.07
F09 M2I B . -9.84 15.02 -2.59
F10 M2I B . -7.76 15.23 -3.40
F11 M2I B . -8.52 13.22 -2.77
N13 M2I B . -4.08 13.55 0.87
N22 M2I B . -4.21 10.02 -0.70
N23 M2I B . -4.06 8.75 -1.13
N24 M2I B . -3.66 8.01 -0.11
N25 M2I B . -3.58 8.80 0.98
O01 M2I B . -3.91 15.79 0.38
#